data_2KPD
#
_entry.id   2KPD
#
_entity_poly.entity_id   1
_entity_poly.type   'polyribonucleotide'
_entity_poly.pdbx_seq_one_letter_code
;UGAGCUCAGUUUGCUCA
;
_entity_poly.pdbx_strand_id   A
#
loop_
_chem_comp.id
_chem_comp.type
_chem_comp.name
_chem_comp.formula
A RNA linking ADENOSINE-5'-MONOPHOSPHATE 'C10 H14 N5 O7 P'
C RNA linking CYTIDINE-5'-MONOPHOSPHATE 'C9 H14 N3 O8 P'
G RNA linking GUANOSINE-5'-MONOPHOSPHATE 'C10 H14 N5 O8 P'
U RNA linking URIDINE-5'-MONOPHOSPHATE 'C9 H13 N2 O9 P'
#